data_8X5Z
#
_entry.id   8X5Z
#
_cell.length_a   51.823
_cell.length_b   103.262
_cell.length_c   122.182
_cell.angle_alpha   90.000
_cell.angle_beta   90.000
_cell.angle_gamma   90.000
#
_symmetry.space_group_name_H-M   'C 2 2 21'
#
loop_
_entity.id
_entity.type
_entity.pdbx_description
1 polymer 'Serine/threonine-protein kinase PAK 1'
2 water water
#
_entity_poly.entity_id   1
_entity_poly.type   'polypeptide(L)'
_entity_poly.pdbx_seq_one_letter_code
;SDEEILEKLRSIVSVGDPKKKYTRFEKIGQGASGTVYTAMDVATGQEVAIRQMNLQQQPKKELIINEILVMRENKNPNIV
NYLDSYLVGDELWVVMEYLAGGSLTDVVTETCMDEGQIAAVCRECLQALEFLHSNQVIHRDIKSDNILLGMDGSVKLTDF
GFCAQITPEQSKRS(TPO)MVGTPYWMAPEVVTRKAYGPKVDIWSLGIMAIEMIEGEPPYLNENPLRALYLIATNGTPEL
QNPEKLSAIFRDFLNRCLDMDVEKRGSAKELLQHQFLKIAKPLSSLTPLIAAAKEATKNNH
;
_entity_poly.pdbx_strand_id   A
#
# COMPACT_ATOMS: atom_id res chain seq x y z
N SER A 1 9.50 -13.79 23.42
CA SER A 1 9.98 -15.19 23.46
C SER A 1 9.68 -15.88 22.13
N ASP A 2 10.60 -16.74 21.66
CA ASP A 2 10.40 -17.46 20.42
C ASP A 2 9.26 -18.48 20.54
N GLU A 3 9.19 -19.20 21.68
CA GLU A 3 8.15 -20.18 21.92
C GLU A 3 6.80 -19.49 22.03
N GLU A 4 6.78 -18.37 22.74
CA GLU A 4 5.59 -17.60 23.08
C GLU A 4 4.96 -17.01 21.81
N ILE A 5 5.85 -16.65 20.87
CA ILE A 5 5.50 -16.16 19.54
C ILE A 5 4.85 -17.28 18.73
N LEU A 6 5.45 -18.48 18.78
CA LEU A 6 4.93 -19.65 18.07
C LEU A 6 3.57 -20.04 18.65
N GLU A 7 3.40 -19.88 19.97
CA GLU A 7 2.14 -20.24 20.61
C GLU A 7 1.07 -19.22 20.22
N LYS A 8 1.43 -17.94 20.15
CA LYS A 8 0.51 -16.93 19.66
C LYS A 8 0.12 -17.22 18.21
N LEU A 9 1.09 -17.51 17.34
CA LEU A 9 0.78 -17.81 15.96
C LEU A 9 -0.11 -19.04 15.87
N ARG A 10 0.16 -20.07 16.71
CA ARG A 10 -0.65 -21.27 16.66
C ARG A 10 -2.11 -20.95 16.94
N SER A 11 -2.37 -19.99 17.85
CA SER A 11 -3.74 -19.59 18.21
C SER A 11 -4.42 -18.89 17.03
N ILE A 12 -3.65 -18.16 16.20
CA ILE A 12 -4.18 -17.37 15.10
C ILE A 12 -4.55 -18.23 13.89
N VAL A 13 -3.69 -19.18 13.55
CA VAL A 13 -3.74 -19.88 12.28
C VAL A 13 -4.86 -20.92 12.28
N SER A 14 -5.30 -21.28 11.06
CA SER A 14 -6.10 -22.46 10.85
C SER A 14 -5.20 -23.68 11.10
N VAL A 15 -5.86 -24.80 11.41
CA VAL A 15 -5.16 -26.04 11.72
C VAL A 15 -4.75 -26.76 10.43
N GLY A 16 -3.68 -27.55 10.56
CA GLY A 16 -3.27 -28.50 9.54
C GLY A 16 -2.32 -27.91 8.51
N ASP A 17 -2.16 -28.69 7.43
CA ASP A 17 -1.24 -28.38 6.35
C ASP A 17 -2.06 -27.77 5.21
N PRO A 18 -1.62 -26.64 4.63
CA PRO A 18 -2.37 -26.03 3.52
C PRO A 18 -2.28 -26.75 2.18
N LYS A 19 -1.36 -27.69 2.03
CA LYS A 19 -1.15 -28.39 0.76
C LYS A 19 -2.43 -29.10 0.35
N LYS A 20 -3.34 -29.30 1.31
CA LYS A 20 -4.66 -29.82 1.02
C LYS A 20 -5.47 -28.77 0.28
N LYS A 21 -5.68 -27.61 0.92
CA LYS A 21 -6.72 -26.67 0.50
C LYS A 21 -6.35 -25.95 -0.81
N TYR A 22 -5.08 -26.04 -1.25
CA TYR A 22 -4.56 -25.31 -2.40
C TYR A 22 -3.70 -26.24 -3.25
N THR A 23 -3.65 -25.91 -4.54
CA THR A 23 -2.96 -26.65 -5.59
C THR A 23 -2.32 -25.65 -6.56
N ARG A 24 -1.49 -26.14 -7.50
CA ARG A 24 -1.00 -25.40 -8.65
C ARG A 24 0.03 -24.34 -8.27
N PHE A 25 0.85 -24.64 -7.26
CA PHE A 25 1.82 -23.68 -6.74
C PHE A 25 2.83 -23.30 -7.82
N GLU A 26 2.90 -22.01 -8.14
CA GLU A 26 3.97 -21.46 -8.96
C GLU A 26 4.70 -20.39 -8.16
N LYS A 27 6.03 -20.50 -8.06
CA LYS A 27 6.83 -19.55 -7.31
C LYS A 27 6.90 -18.24 -8.12
N ILE A 28 6.77 -17.09 -7.44
CA ILE A 28 6.82 -15.80 -8.12
C ILE A 28 7.69 -14.81 -7.35
N GLY A 29 8.45 -15.27 -6.34
CA GLY A 29 9.22 -14.34 -5.52
C GLY A 29 9.96 -15.04 -4.39
N GLN A 30 11.04 -14.39 -3.91
CA GLN A 30 11.86 -14.93 -2.84
C GLN A 30 12.86 -13.87 -2.37
N GLY A 34 9.65 -13.85 2.78
CA GLY A 34 9.99 -15.23 2.35
C GLY A 34 9.54 -15.49 0.91
N THR A 35 9.23 -16.76 0.60
CA THR A 35 8.89 -17.20 -0.74
C THR A 35 7.40 -17.00 -1.05
N VAL A 36 7.10 -16.37 -2.18
CA VAL A 36 5.73 -16.11 -2.59
C VAL A 36 5.38 -17.01 -3.79
N TYR A 37 4.19 -17.61 -3.74
CA TYR A 37 3.64 -18.43 -4.82
C TYR A 37 2.27 -17.90 -5.22
N THR A 38 1.91 -18.10 -6.49
CA THR A 38 0.50 -18.17 -6.83
C THR A 38 0.06 -19.61 -6.71
N ALA A 39 -1.24 -19.79 -6.45
CA ALA A 39 -1.84 -21.10 -6.29
C ALA A 39 -3.34 -20.95 -6.46
N MET A 40 -4.06 -22.07 -6.39
CA MET A 40 -5.51 -22.05 -6.54
C MET A 40 -6.14 -22.78 -5.35
N ASP A 41 -7.16 -22.16 -4.76
CA ASP A 41 -8.01 -22.81 -3.78
C ASP A 41 -8.75 -23.94 -4.49
N VAL A 42 -8.50 -25.18 -4.05
CA VAL A 42 -9.11 -26.35 -4.67
C VAL A 42 -10.63 -26.32 -4.47
N ALA A 43 -11.09 -25.66 -3.39
CA ALA A 43 -12.51 -25.56 -3.09
C ALA A 43 -13.19 -24.49 -3.95
N THR A 44 -12.86 -23.20 -3.72
CA THR A 44 -13.59 -22.10 -4.32
C THR A 44 -13.20 -21.89 -5.78
N GLY A 45 -12.00 -22.33 -6.19
CA GLY A 45 -11.48 -21.99 -7.51
C GLY A 45 -10.63 -20.72 -7.51
N GLN A 46 -10.75 -19.89 -6.45
CA GLN A 46 -10.04 -18.61 -6.33
C GLN A 46 -8.53 -18.79 -6.47
N GLU A 47 -7.90 -17.87 -7.23
CA GLU A 47 -6.45 -17.81 -7.33
C GLU A 47 -5.91 -16.99 -6.15
N VAL A 48 -4.83 -17.47 -5.54
CA VAL A 48 -4.32 -16.88 -4.30
C VAL A 48 -2.83 -16.62 -4.43
N ALA A 49 -2.34 -15.70 -3.59
CA ALA A 49 -0.93 -15.45 -3.43
C ALA A 49 -0.54 -15.94 -2.03
N ILE A 50 0.44 -16.83 -1.95
CA ILE A 50 0.82 -17.45 -0.68
C ILE A 50 2.28 -17.12 -0.39
N ARG A 51 2.50 -16.52 0.79
CA ARG A 51 3.82 -16.19 1.27
C ARG A 51 4.20 -17.27 2.28
N GLN A 52 5.37 -17.91 2.10
CA GLN A 52 5.86 -18.91 3.03
C GLN A 52 7.14 -18.40 3.67
N MET A 53 7.15 -18.49 4.99
CA MET A 53 8.24 -17.95 5.77
C MET A 53 8.73 -19.04 6.69
N ASN A 54 10.05 -19.21 6.77
CA ASN A 54 10.66 -20.00 7.83
C ASN A 54 10.93 -19.04 8.98
N LEU A 55 10.28 -19.30 10.11
CA LEU A 55 10.29 -18.37 11.23
C LEU A 55 11.65 -18.34 11.92
N GLN A 56 12.41 -19.42 11.77
CA GLN A 56 13.81 -19.46 12.20
C GLN A 56 14.55 -18.24 11.65
N GLN A 57 14.31 -17.88 10.37
CA GLN A 57 15.07 -16.86 9.70
C GLN A 57 14.29 -15.55 9.57
N GLN A 58 13.23 -15.37 10.38
CA GLN A 58 12.43 -14.16 10.33
C GLN A 58 12.77 -13.29 11.54
N PRO A 59 13.43 -12.11 11.33
CA PRO A 59 13.97 -11.35 12.45
C PRO A 59 12.95 -10.69 13.39
N LYS A 60 11.82 -10.20 12.85
CA LYS A 60 10.93 -9.36 13.65
C LYS A 60 9.51 -9.92 13.61
N LYS A 61 9.29 -11.02 14.32
CA LYS A 61 8.10 -11.86 14.13
C LYS A 61 6.85 -11.19 14.69
N GLU A 62 7.01 -10.28 15.67
CA GLU A 62 5.90 -9.54 16.26
C GLU A 62 5.20 -8.69 15.20
N LEU A 63 5.96 -8.28 14.19
CA LEU A 63 5.39 -7.50 13.11
C LEU A 63 4.47 -8.38 12.25
N ILE A 64 4.86 -9.66 12.09
CA ILE A 64 4.09 -10.58 11.28
C ILE A 64 2.76 -10.91 11.98
N ILE A 65 2.80 -11.17 13.28
CA ILE A 65 1.58 -11.30 14.10
C ILE A 65 0.68 -10.06 13.97
N ASN A 66 1.26 -8.87 14.19
CA ASN A 66 0.53 -7.62 14.05
C ASN A 66 -0.11 -7.53 12.67
N GLU A 67 0.67 -7.85 11.65
CA GLU A 67 0.16 -7.76 10.28
C GLU A 67 -1.10 -8.62 10.11
N ILE A 68 -1.06 -9.87 10.59
CA ILE A 68 -2.19 -10.77 10.39
C ILE A 68 -3.41 -10.29 11.19
N LEU A 69 -3.21 -9.89 12.44
CA LEU A 69 -4.31 -9.46 13.29
C LEU A 69 -4.96 -8.20 12.71
N VAL A 70 -4.14 -7.25 12.21
CA VAL A 70 -4.71 -6.04 11.63
C VAL A 70 -5.48 -6.40 10.36
N MET A 71 -4.94 -7.31 9.55
CA MET A 71 -5.64 -7.62 8.31
C MET A 71 -6.96 -8.30 8.63
N ARG A 72 -6.93 -9.23 9.59
CA ARG A 72 -8.10 -10.01 9.96
C ARG A 72 -9.25 -9.08 10.36
N GLU A 73 -8.94 -8.02 11.14
CA GLU A 73 -9.94 -7.22 11.79
C GLU A 73 -10.27 -5.94 11.01
N ASN A 74 -9.68 -5.76 9.83
CA ASN A 74 -9.89 -4.54 9.07
C ASN A 74 -10.08 -4.83 7.59
N LYS A 75 -11.00 -5.73 7.31
CA LYS A 75 -11.32 -6.05 5.94
C LYS A 75 -12.00 -4.83 5.30
N ASN A 76 -11.73 -4.67 4.02
CA ASN A 76 -12.26 -3.55 3.26
C ASN A 76 -12.16 -3.87 1.76
N PRO A 77 -13.11 -3.37 0.94
CA PRO A 77 -13.07 -3.53 -0.51
C PRO A 77 -11.78 -3.03 -1.14
N ASN A 78 -11.14 -2.05 -0.50
CA ASN A 78 -9.95 -1.40 -1.06
C ASN A 78 -8.68 -1.87 -0.34
N ILE A 79 -8.78 -3.00 0.38
CA ILE A 79 -7.64 -3.66 0.98
C ILE A 79 -7.59 -5.10 0.44
N VAL A 80 -6.39 -5.53 0.00
CA VAL A 80 -6.17 -6.88 -0.53
C VAL A 80 -6.61 -7.88 0.53
N ASN A 81 -7.54 -8.78 0.18
CA ASN A 81 -8.20 -9.65 1.15
C ASN A 81 -7.21 -10.69 1.72
N TYR A 82 -7.07 -10.70 3.05
CA TYR A 82 -6.41 -11.78 3.77
C TYR A 82 -7.38 -12.93 3.93
N LEU A 83 -6.93 -14.13 3.50
CA LEU A 83 -7.81 -15.27 3.43
C LEU A 83 -7.55 -16.23 4.60
N ASP A 84 -6.31 -16.55 4.86
CA ASP A 84 -6.04 -17.59 5.84
C ASP A 84 -4.57 -17.62 6.22
N SER A 85 -4.24 -18.42 7.24
CA SER A 85 -2.84 -18.66 7.57
C SER A 85 -2.72 -20.07 8.15
N TYR A 86 -1.51 -20.63 8.08
CA TYR A 86 -1.19 -21.96 8.58
C TYR A 86 0.20 -21.94 9.14
N LEU A 87 0.44 -22.85 10.07
CA LEU A 87 1.74 -22.99 10.69
C LEU A 87 2.05 -24.48 10.72
N VAL A 88 3.11 -24.86 9.99
CA VAL A 88 3.58 -26.23 9.96
C VAL A 88 5.00 -26.24 10.47
N GLY A 89 5.16 -26.60 11.75
CA GLY A 89 6.46 -26.50 12.38
C GLY A 89 6.89 -25.04 12.48
N ASP A 90 7.97 -24.67 11.78
CA ASP A 90 8.47 -23.30 11.81
C ASP A 90 8.09 -22.56 10.53
N GLU A 91 7.33 -23.24 9.66
CA GLU A 91 6.94 -22.70 8.39
C GLU A 91 5.55 -22.09 8.52
N LEU A 92 5.50 -20.76 8.37
CA LEU A 92 4.28 -19.98 8.35
C LEU A 92 3.87 -19.69 6.92
N TRP A 93 2.59 -19.91 6.67
CA TRP A 93 1.96 -19.56 5.40
C TRP A 93 0.94 -18.46 5.63
N VAL A 94 0.98 -17.43 4.78
CA VAL A 94 -0.08 -16.43 4.77
C VAL A 94 -0.70 -16.41 3.38
N VAL A 95 -2.03 -16.58 3.33
CA VAL A 95 -2.76 -16.67 2.09
C VAL A 95 -3.58 -15.39 1.86
N MET A 96 -3.31 -14.75 0.72
CA MET A 96 -3.97 -13.51 0.32
C MET A 96 -4.70 -13.77 -0.98
N GLU A 97 -5.71 -12.95 -1.30
CA GLU A 97 -6.24 -13.00 -2.67
C GLU A 97 -5.14 -12.54 -3.64
N TYR A 98 -5.19 -13.04 -4.88
CA TYR A 98 -4.26 -12.66 -5.92
C TYR A 98 -4.95 -11.68 -6.87
N LEU A 99 -4.29 -10.56 -7.12
CA LEU A 99 -4.78 -9.64 -8.14
C LEU A 99 -3.86 -9.76 -9.35
N ALA A 100 -4.46 -10.08 -10.51
CA ALA A 100 -3.73 -10.44 -11.70
C ALA A 100 -3.17 -9.22 -12.46
N GLY A 101 -3.46 -8.00 -11.98
CA GLY A 101 -3.10 -6.80 -12.72
C GLY A 101 -1.83 -6.11 -12.23
N GLY A 102 -1.03 -6.83 -11.40
CA GLY A 102 0.23 -6.29 -10.94
C GLY A 102 0.02 -5.16 -9.93
N SER A 103 0.89 -4.13 -10.01
CA SER A 103 0.89 -3.02 -9.08
C SER A 103 0.78 -1.68 -9.83
N LEU A 104 0.46 -0.61 -9.07
CA LEU A 104 0.47 0.75 -9.61
C LEU A 104 1.87 1.09 -10.13
N THR A 105 2.94 0.56 -9.51
CA THR A 105 4.30 0.82 -9.99
C THR A 105 4.43 0.40 -11.46
N ASP A 106 3.92 -0.77 -11.80
CA ASP A 106 3.95 -1.27 -13.18
C ASP A 106 3.25 -0.28 -14.13
N VAL A 107 2.09 0.21 -13.70
CA VAL A 107 1.32 1.11 -14.54
C VAL A 107 2.07 2.43 -14.72
N VAL A 108 2.59 3.02 -13.65
CA VAL A 108 3.13 4.36 -13.75
C VAL A 108 4.49 4.34 -14.44
N THR A 109 5.16 3.18 -14.45
CA THR A 109 6.47 3.13 -15.10
C THR A 109 6.32 2.71 -16.56
N GLU A 110 5.21 2.12 -16.96
CA GLU A 110 5.08 1.58 -18.30
C GLU A 110 4.08 2.35 -19.14
N THR A 111 3.23 3.20 -18.53
CA THR A 111 2.10 3.80 -19.23
C THR A 111 1.95 5.26 -18.79
N CYS A 112 1.06 5.99 -19.45
CA CYS A 112 0.76 7.36 -19.09
CA CYS A 112 0.77 7.37 -19.07
C CYS A 112 -0.71 7.53 -18.71
N MET A 113 -1.00 7.65 -17.41
CA MET A 113 -2.37 7.81 -16.94
C MET A 113 -2.86 9.21 -17.27
N ASP A 114 -4.16 9.33 -17.55
CA ASP A 114 -4.81 10.62 -17.67
C ASP A 114 -5.40 11.00 -16.30
N GLU A 115 -5.87 12.25 -16.21
CA GLU A 115 -6.27 12.78 -14.92
C GLU A 115 -7.52 12.06 -14.42
N GLY A 116 -8.40 11.60 -15.33
CA GLY A 116 -9.57 10.84 -14.93
C GLY A 116 -9.18 9.51 -14.28
N GLN A 117 -8.17 8.87 -14.85
CA GLN A 117 -7.65 7.60 -14.33
C GLN A 117 -6.94 7.80 -12.99
N ILE A 118 -6.11 8.84 -12.91
CA ILE A 118 -5.46 9.26 -11.65
C ILE A 118 -6.50 9.53 -10.55
N ALA A 119 -7.52 10.35 -10.84
CA ALA A 119 -8.55 10.63 -9.85
C ALA A 119 -9.23 9.35 -9.31
N ALA A 120 -9.50 8.37 -10.19
CA ALA A 120 -10.12 7.13 -9.77
C ALA A 120 -9.21 6.35 -8.82
N VAL A 121 -7.93 6.23 -9.15
CA VAL A 121 -6.99 5.55 -8.28
C VAL A 121 -6.87 6.27 -6.95
N CYS A 122 -6.73 7.60 -6.96
CA CYS A 122 -6.63 8.36 -5.71
C CYS A 122 -7.87 8.16 -4.83
N ARG A 123 -9.06 8.18 -5.45
CA ARG A 123 -10.29 7.94 -4.74
C ARG A 123 -10.26 6.59 -4.00
N GLU A 124 -9.98 5.51 -4.72
CA GLU A 124 -9.95 4.17 -4.17
C GLU A 124 -8.98 4.10 -3.01
N CYS A 125 -7.79 4.70 -3.17
CA CYS A 125 -6.79 4.69 -2.11
C CYS A 125 -7.27 5.48 -0.88
N LEU A 126 -7.89 6.66 -1.10
CA LEU A 126 -8.48 7.42 0.00
C LEU A 126 -9.61 6.68 0.72
N GLN A 127 -10.37 5.82 0.02
CA GLN A 127 -11.39 5.00 0.65
C GLN A 127 -10.74 4.04 1.66
N ALA A 128 -9.65 3.40 1.26
CA ALA A 128 -8.91 2.51 2.20
C ALA A 128 -8.38 3.32 3.38
N LEU A 129 -7.75 4.46 3.12
CA LEU A 129 -7.15 5.30 4.16
C LEU A 129 -8.21 5.80 5.14
N GLU A 130 -9.36 6.29 4.63
CA GLU A 130 -10.40 6.76 5.53
C GLU A 130 -10.85 5.66 6.49
N PHE A 131 -11.07 4.45 5.96
CA PHE A 131 -11.44 3.29 6.75
C PHE A 131 -10.39 2.97 7.83
N LEU A 132 -9.10 2.91 7.41
CA LEU A 132 -8.05 2.53 8.33
C LEU A 132 -7.91 3.61 9.39
N HIS A 133 -7.96 4.88 8.94
CA HIS A 133 -7.74 5.99 9.87
C HIS A 133 -8.87 6.03 10.89
N SER A 134 -10.10 5.75 10.43
CA SER A 134 -11.26 5.78 11.32
C SER A 134 -11.16 4.65 12.33
N ASN A 135 -10.42 3.58 11.97
CA ASN A 135 -10.14 2.44 12.84
C ASN A 135 -8.85 2.59 13.62
N GLN A 136 -8.25 3.80 13.61
CA GLN A 136 -7.03 4.07 14.36
C GLN A 136 -5.84 3.23 13.87
N VAL A 137 -5.81 2.96 12.56
CA VAL A 137 -4.66 2.29 11.94
C VAL A 137 -4.01 3.26 10.94
N ILE A 138 -2.67 3.42 11.06
CA ILE A 138 -1.84 4.15 10.09
C ILE A 138 -1.03 3.13 9.31
N HIS A 139 -1.06 3.26 7.98
CA HIS A 139 -0.39 2.28 7.14
C HIS A 139 1.13 2.43 7.26
N ARG A 140 1.61 3.67 7.03
CA ARG A 140 2.99 4.12 7.24
C ARG A 140 3.93 3.73 6.11
N ASP A 141 3.50 2.92 5.13
CA ASP A 141 4.33 2.68 3.97
C ASP A 141 3.52 2.68 2.66
N ILE A 142 2.68 3.70 2.49
CA ILE A 142 1.97 3.93 1.26
C ILE A 142 2.99 4.29 0.16
N LYS A 143 2.89 3.60 -0.99
CA LYS A 143 3.68 3.82 -2.19
C LYS A 143 3.10 2.92 -3.27
N SER A 144 3.43 3.18 -4.54
CA SER A 144 2.79 2.50 -5.65
CA SER A 144 2.76 2.51 -5.63
C SER A 144 2.98 0.98 -5.62
N ASP A 145 4.09 0.52 -5.04
CA ASP A 145 4.37 -0.91 -4.96
C ASP A 145 3.35 -1.64 -4.09
N ASN A 146 2.75 -0.92 -3.12
CA ASN A 146 1.75 -1.48 -2.21
C ASN A 146 0.33 -1.23 -2.70
N ILE A 147 0.16 -0.76 -3.95
CA ILE A 147 -1.16 -0.64 -4.53
C ILE A 147 -1.30 -1.70 -5.61
N LEU A 148 -2.14 -2.71 -5.38
CA LEU A 148 -2.27 -3.83 -6.32
C LEU A 148 -3.52 -3.62 -7.12
N LEU A 149 -3.56 -4.17 -8.35
CA LEU A 149 -4.62 -3.86 -9.29
C LEU A 149 -5.19 -5.17 -9.82
N GLY A 150 -6.51 -5.19 -9.92
CA GLY A 150 -7.23 -6.23 -10.64
C GLY A 150 -7.20 -5.95 -12.13
N MET A 151 -7.47 -6.97 -12.95
CA MET A 151 -7.48 -6.78 -14.39
C MET A 151 -8.60 -5.84 -14.78
N ASP A 152 -9.68 -5.80 -13.96
CA ASP A 152 -10.88 -5.00 -14.18
C ASP A 152 -10.72 -3.55 -13.66
N GLY A 153 -9.55 -3.24 -13.11
CA GLY A 153 -9.27 -1.89 -12.64
C GLY A 153 -9.50 -1.72 -11.14
N SER A 154 -9.75 -2.81 -10.40
CA SER A 154 -9.88 -2.73 -8.96
C SER A 154 -8.56 -2.23 -8.37
N VAL A 155 -8.65 -1.44 -7.29
CA VAL A 155 -7.49 -0.83 -6.65
C VAL A 155 -7.50 -1.23 -5.18
N LYS A 156 -6.44 -1.88 -4.71
CA LYS A 156 -6.43 -2.40 -3.36
C LYS A 156 -5.07 -2.19 -2.72
N LEU A 157 -5.10 -1.74 -1.46
CA LEU A 157 -3.91 -1.50 -0.66
C LEU A 157 -3.42 -2.79 0.02
N THR A 158 -2.10 -2.94 0.11
CA THR A 158 -1.53 -4.11 0.77
C THR A 158 -0.34 -3.75 1.65
N ASP A 159 0.17 -4.78 2.33
CA ASP A 159 1.38 -4.72 3.14
C ASP A 159 1.17 -3.96 4.43
N PHE A 160 0.78 -4.72 5.45
CA PHE A 160 0.55 -4.17 6.78
C PHE A 160 1.71 -4.54 7.69
N GLY A 161 2.86 -4.84 7.07
CA GLY A 161 4.11 -5.08 7.77
C GLY A 161 4.64 -3.86 8.56
N PHE A 162 4.14 -2.63 8.30
CA PHE A 162 4.72 -1.44 8.92
C PHE A 162 3.69 -0.59 9.68
N CYS A 163 2.45 -1.09 9.77
CA CYS A 163 1.34 -0.29 10.25
C CYS A 163 1.41 -0.05 11.75
N ALA A 164 0.69 0.98 12.17
CA ALA A 164 0.60 1.33 13.58
C ALA A 164 -0.86 1.42 13.97
N GLN A 165 -1.13 0.96 15.19
CA GLN A 165 -2.40 1.14 15.87
C GLN A 165 -2.24 2.22 16.93
N ILE A 166 -3.04 3.28 16.86
CA ILE A 166 -2.94 4.41 17.76
C ILE A 166 -4.19 4.43 18.66
N THR A 167 -4.19 5.32 19.66
CA THR A 167 -5.32 5.50 20.56
C THR A 167 -5.43 6.98 20.90
N PRO A 168 -6.53 7.45 21.55
CA PRO A 168 -6.61 8.87 21.91
C PRO A 168 -5.54 9.35 22.90
N GLU A 169 -5.03 8.44 23.75
CA GLU A 169 -3.99 8.78 24.72
C GLU A 169 -2.61 8.74 24.06
N GLN A 170 -2.43 7.91 23.01
CA GLN A 170 -1.20 7.87 22.23
C GLN A 170 -1.53 7.93 20.73
N SER A 171 -1.89 9.12 20.27
CA SER A 171 -2.41 9.34 18.93
C SER A 171 -1.29 9.60 17.93
N LYS A 172 -0.05 9.69 18.42
CA LYS A 172 1.13 9.99 17.61
C LYS A 172 2.17 8.88 17.74
N ARG A 173 2.92 8.66 16.66
CA ARG A 173 4.00 7.69 16.60
C ARG A 173 5.29 8.45 16.29
N SER A 174 6.44 7.79 16.46
CA SER A 174 7.73 8.41 16.12
C SER A 174 8.65 7.45 15.35
N MET A 176 10.48 5.52 12.55
CA MET A 176 10.66 5.76 11.12
C MET A 176 10.70 4.38 10.45
N VAL A 177 9.59 4.03 9.77
CA VAL A 177 9.44 2.71 9.17
C VAL A 177 9.22 2.81 7.68
N GLY A 178 8.81 4.00 7.22
CA GLY A 178 8.36 4.17 5.84
C GLY A 178 9.51 4.20 4.84
N THR A 179 9.18 4.04 3.55
CA THR A 179 10.16 4.18 2.49
C THR A 179 10.50 5.66 2.29
N PRO A 180 11.79 6.07 2.36
CA PRO A 180 12.14 7.49 2.38
C PRO A 180 11.49 8.41 1.36
N TYR A 181 11.47 7.97 0.09
CA TYR A 181 10.99 8.84 -0.98
C TYR A 181 9.52 9.21 -0.80
N TRP A 182 8.75 8.41 -0.03
CA TRP A 182 7.33 8.67 0.14
C TRP A 182 7.02 9.22 1.52
N MET A 183 8.07 9.45 2.31
CA MET A 183 7.90 9.74 3.72
C MET A 183 7.64 11.23 3.93
N ALA A 184 6.67 11.53 4.82
CA ALA A 184 6.28 12.88 5.15
C ALA A 184 7.41 13.54 5.93
N PRO A 185 7.66 14.83 5.71
CA PRO A 185 8.78 15.52 6.34
C PRO A 185 8.74 15.51 7.88
N GLU A 186 7.54 15.56 8.49
CA GLU A 186 7.44 15.62 9.95
C GLU A 186 8.00 14.36 10.60
N VAL A 187 8.08 13.26 9.84
CA VAL A 187 8.60 12.01 10.37
C VAL A 187 10.05 12.24 10.77
N VAL A 188 10.80 13.02 9.97
CA VAL A 188 12.19 13.27 10.34
C VAL A 188 12.36 14.56 11.15
N THR A 189 11.53 15.60 10.92
CA THR A 189 11.73 16.88 11.59
C THR A 189 11.16 16.88 13.01
N ARG A 190 10.18 16.03 13.33
CA ARG A 190 9.64 15.95 14.68
C ARG A 190 9.72 14.51 15.15
N LYS A 191 9.20 14.22 16.34
CA LYS A 191 9.04 12.83 16.76
C LYS A 191 7.60 12.62 17.21
N ALA A 192 6.67 13.14 16.40
CA ALA A 192 5.28 12.89 16.62
C ALA A 192 4.57 13.09 15.29
N TYR A 193 4.23 11.97 14.65
CA TYR A 193 3.40 12.05 13.46
C TYR A 193 2.14 11.23 13.68
N GLY A 194 1.15 11.49 12.80
CA GLY A 194 -0.14 10.83 12.87
C GLY A 194 -0.58 10.36 11.49
N PRO A 195 -1.88 10.06 11.35
CA PRO A 195 -2.41 9.44 10.13
C PRO A 195 -2.10 10.19 8.85
N LYS A 196 -1.84 11.50 8.96
CA LYS A 196 -1.69 12.30 7.76
C LYS A 196 -0.35 12.03 7.08
N VAL A 197 0.52 11.20 7.69
CA VAL A 197 1.70 10.79 6.96
C VAL A 197 1.25 9.93 5.77
N ASP A 198 0.14 9.21 5.88
CA ASP A 198 -0.32 8.37 4.76
C ASP A 198 -0.91 9.25 3.64
N ILE A 199 -1.45 10.41 4.03
CA ILE A 199 -1.95 11.42 3.07
C ILE A 199 -0.80 12.02 2.24
N TRP A 200 0.28 12.46 2.91
CA TRP A 200 1.49 12.83 2.21
C TRP A 200 1.95 11.79 1.21
N SER A 201 2.09 10.53 1.66
CA SER A 201 2.52 9.47 0.76
C SER A 201 1.63 9.35 -0.47
N LEU A 202 0.31 9.49 -0.29
CA LEU A 202 -0.62 9.41 -1.40
C LEU A 202 -0.36 10.55 -2.38
N GLY A 203 -0.01 11.72 -1.83
CA GLY A 203 0.41 12.84 -2.67
C GLY A 203 1.64 12.54 -3.50
N ILE A 204 2.62 11.82 -2.92
CA ILE A 204 3.78 11.40 -3.66
C ILE A 204 3.41 10.34 -4.70
N MET A 205 2.47 9.43 -4.39
CA MET A 205 2.02 8.48 -5.41
C MET A 205 1.35 9.21 -6.57
N ALA A 206 0.64 10.30 -6.32
CA ALA A 206 0.06 11.09 -7.40
C ALA A 206 1.14 11.72 -8.28
N ILE A 207 2.24 12.19 -7.67
CA ILE A 207 3.40 12.61 -8.46
C ILE A 207 3.93 11.45 -9.32
N GLU A 208 4.04 10.23 -8.77
CA GLU A 208 4.43 9.11 -9.58
C GLU A 208 3.52 8.95 -10.79
N MET A 209 2.21 9.09 -10.59
CA MET A 209 1.26 8.84 -11.67
C MET A 209 1.39 9.89 -12.76
N ILE A 210 1.80 11.10 -12.35
CA ILE A 210 2.03 12.17 -13.30
C ILE A 210 3.39 11.99 -14.00
N GLU A 211 4.48 11.78 -13.27
CA GLU A 211 5.83 11.96 -13.82
C GLU A 211 6.59 10.65 -13.96
N GLY A 212 6.11 9.58 -13.32
CA GLY A 212 6.66 8.25 -13.44
C GLY A 212 7.54 7.82 -12.27
N GLU A 213 7.86 8.76 -11.36
CA GLU A 213 8.73 8.50 -10.22
C GLU A 213 8.39 9.47 -9.12
N PRO A 214 8.72 9.15 -7.85
CA PRO A 214 8.61 10.12 -6.79
C PRO A 214 9.72 11.15 -6.95
N PRO A 215 9.59 12.34 -6.34
CA PRO A 215 10.71 13.27 -6.30
C PRO A 215 11.96 12.61 -5.71
N TYR A 216 13.12 12.97 -6.27
CA TYR A 216 14.43 12.64 -5.70
C TYR A 216 14.78 11.15 -5.79
N LEU A 217 14.11 10.41 -6.70
CA LEU A 217 14.34 8.98 -6.78
C LEU A 217 15.81 8.66 -7.05
N ASN A 218 16.42 9.49 -7.90
CA ASN A 218 17.78 9.36 -8.37
C ASN A 218 18.79 9.65 -7.26
N GLU A 219 18.33 10.07 -6.07
CA GLU A 219 19.20 10.41 -4.98
C GLU A 219 19.34 9.23 -4.04
N ASN A 220 20.47 9.17 -3.35
CA ASN A 220 20.61 8.27 -2.21
C ASN A 220 19.44 8.50 -1.27
N PRO A 221 18.84 7.44 -0.67
CA PRO A 221 17.70 7.62 0.24
C PRO A 221 17.98 8.56 1.42
N LEU A 222 19.19 8.47 1.98
CA LEU A 222 19.62 9.38 3.03
C LEU A 222 19.51 10.83 2.57
N ARG A 223 19.90 11.12 1.33
CA ARG A 223 19.91 12.49 0.85
C ARG A 223 18.48 12.97 0.52
N ALA A 224 17.73 12.13 -0.21
CA ALA A 224 16.30 12.37 -0.43
C ALA A 224 15.60 12.81 0.85
N LEU A 225 15.83 12.12 1.96
CA LEU A 225 15.13 12.45 3.19
C LEU A 225 15.52 13.83 3.73
N TYR A 226 16.81 14.21 3.63
CA TYR A 226 17.28 15.55 3.99
C TYR A 226 16.58 16.57 3.09
N LEU A 227 16.46 16.26 1.81
CA LEU A 227 15.87 17.17 0.85
C LEU A 227 14.37 17.35 1.13
N ILE A 228 13.70 16.26 1.49
CA ILE A 228 12.27 16.32 1.79
C ILE A 228 12.07 17.22 3.00
N ALA A 229 12.85 16.98 4.06
CA ALA A 229 12.75 17.74 5.29
C ALA A 229 13.08 19.21 5.07
N THR A 230 14.02 19.53 4.16
CA THR A 230 14.47 20.90 4.01
C THR A 230 13.72 21.67 2.91
N ASN A 231 13.13 20.97 1.94
CA ASN A 231 12.57 21.63 0.77
C ASN A 231 11.04 21.70 0.87
N GLY A 232 10.47 20.87 1.75
CA GLY A 232 9.03 20.84 1.95
C GLY A 232 8.28 20.33 0.70
N THR A 233 7.19 21.04 0.36
CA THR A 233 6.21 20.61 -0.64
C THR A 233 6.94 20.47 -1.97
N PRO A 234 7.02 19.25 -2.55
CA PRO A 234 7.80 19.02 -3.75
C PRO A 234 7.20 19.68 -4.99
N GLU A 235 8.07 19.97 -5.97
CA GLU A 235 7.72 20.85 -7.07
C GLU A 235 7.55 19.99 -8.30
N LEU A 236 6.51 20.25 -9.09
CA LEU A 236 6.32 19.49 -10.32
C LEU A 236 7.21 20.02 -11.43
N GLN A 237 7.50 19.13 -12.39
CA GLN A 237 8.25 19.44 -13.60
C GLN A 237 7.47 20.44 -14.45
N ASN A 238 6.18 20.16 -14.65
CA ASN A 238 5.33 20.94 -15.55
C ASN A 238 3.92 21.09 -14.97
N PRO A 239 3.78 21.90 -13.90
CA PRO A 239 2.49 22.09 -13.24
C PRO A 239 1.40 22.67 -14.14
N GLU A 240 1.78 23.46 -15.17
CA GLU A 240 0.87 24.10 -16.09
C GLU A 240 0.12 23.07 -16.96
N LYS A 241 0.66 21.86 -17.11
CA LYS A 241 -0.01 20.80 -17.84
C LYS A 241 -1.14 20.20 -17.02
N LEU A 242 -1.20 20.47 -15.72
CA LEU A 242 -2.27 19.87 -14.91
C LEU A 242 -3.45 20.83 -14.81
N SER A 243 -4.65 20.26 -14.58
CA SER A 243 -5.83 21.03 -14.24
C SER A 243 -5.64 21.77 -12.93
N ALA A 244 -6.35 22.88 -12.78
CA ALA A 244 -6.32 23.66 -11.55
C ALA A 244 -6.84 22.80 -10.38
N ILE A 245 -7.81 21.91 -10.63
CA ILE A 245 -8.40 21.17 -9.54
C ILE A 245 -7.44 20.07 -9.05
N PHE A 246 -6.71 19.48 -9.99
CA PHE A 246 -5.70 18.48 -9.65
C PHE A 246 -4.56 19.15 -8.88
N ARG A 247 -4.12 20.34 -9.30
CA ARG A 247 -3.09 21.05 -8.56
C ARG A 247 -3.55 21.36 -7.14
N ASP A 248 -4.83 21.75 -6.97
CA ASP A 248 -5.38 21.99 -5.65
C ASP A 248 -5.33 20.71 -4.81
N PHE A 249 -5.68 19.59 -5.45
CA PHE A 249 -5.69 18.33 -4.71
C PHE A 249 -4.29 17.97 -4.22
N LEU A 250 -3.30 18.14 -5.09
CA LEU A 250 -1.92 17.85 -4.71
C LEU A 250 -1.47 18.74 -3.55
N ASN A 251 -1.84 20.02 -3.60
CA ASN A 251 -1.48 20.96 -2.56
C ASN A 251 -2.02 20.54 -1.21
N ARG A 252 -3.25 20.00 -1.19
CA ARG A 252 -3.93 19.57 0.02
C ARG A 252 -3.27 18.29 0.56
N CYS A 253 -2.81 17.40 -0.31
CA CYS A 253 -2.11 16.18 0.13
C CYS A 253 -0.69 16.51 0.64
N LEU A 254 -0.02 17.50 0.04
CA LEU A 254 1.41 17.72 0.27
C LEU A 254 1.68 19.01 1.07
N ASP A 255 0.69 19.47 1.83
CA ASP A 255 0.88 20.61 2.71
C ASP A 255 1.87 20.23 3.83
N MET A 256 2.88 21.10 3.99
CA MET A 256 3.89 20.99 5.04
C MET A 256 3.28 21.12 6.42
N ASP A 257 2.24 21.94 6.51
CA ASP A 257 1.51 22.15 7.75
C ASP A 257 0.54 21.00 7.94
N VAL A 258 0.79 20.14 8.93
CA VAL A 258 0.01 18.93 9.11
C VAL A 258 -1.45 19.27 9.38
N GLU A 259 -1.73 20.32 10.15
CA GLU A 259 -3.10 20.72 10.46
C GLU A 259 -3.89 21.08 9.20
N LYS A 260 -3.24 21.73 8.24
CA LYS A 260 -3.90 22.20 7.04
C LYS A 260 -3.91 21.12 5.94
N ARG A 261 -2.99 20.18 6.00
CA ARG A 261 -3.05 19.03 5.09
C ARG A 261 -4.40 18.34 5.24
N GLY A 262 -4.93 17.83 4.12
CA GLY A 262 -6.22 17.16 4.15
C GLY A 262 -6.21 15.87 4.98
N SER A 263 -7.33 15.58 5.65
CA SER A 263 -7.56 14.24 6.15
C SER A 263 -8.09 13.40 4.98
N ALA A 264 -8.11 12.06 5.17
CA ALA A 264 -8.74 11.18 4.16
C ALA A 264 -10.24 11.50 3.98
N LYS A 265 -10.95 11.74 5.10
CA LYS A 265 -12.37 12.06 5.10
C LYS A 265 -12.60 13.33 4.28
N GLU A 266 -11.76 14.34 4.51
CA GLU A 266 -11.92 15.63 3.83
C GLU A 266 -11.65 15.50 2.33
N LEU A 267 -10.58 14.76 1.99
CA LEU A 267 -10.13 14.63 0.62
C LEU A 267 -11.07 13.76 -0.22
N LEU A 268 -11.86 12.87 0.40
CA LEU A 268 -12.91 12.13 -0.31
C LEU A 268 -14.01 13.04 -0.85
N GLN A 269 -14.07 14.29 -0.32
CA GLN A 269 -15.02 15.28 -0.80
C GLN A 269 -14.45 16.17 -1.88
N HIS A 270 -13.15 16.03 -2.21
CA HIS A 270 -12.49 16.96 -3.10
C HIS A 270 -13.07 16.84 -4.51
N GLN A 271 -13.20 17.99 -5.19
CA GLN A 271 -13.76 17.97 -6.53
C GLN A 271 -12.88 17.30 -7.58
N PHE A 272 -11.55 17.21 -7.35
CA PHE A 272 -10.68 16.42 -8.21
C PHE A 272 -11.24 15.01 -8.39
N LEU A 273 -11.73 14.37 -7.33
CA LEU A 273 -12.19 12.98 -7.42
C LEU A 273 -13.43 12.86 -8.30
N LYS A 274 -14.16 13.96 -8.51
CA LYS A 274 -15.40 13.94 -9.26
C LYS A 274 -15.13 13.85 -10.76
N ILE A 275 -13.89 14.02 -11.24
CA ILE A 275 -13.58 13.80 -12.65
C ILE A 275 -13.19 12.34 -12.90
N ALA A 276 -13.21 11.49 -11.87
CA ALA A 276 -12.76 10.14 -12.03
C ALA A 276 -13.50 9.45 -13.19
N LYS A 277 -12.75 8.71 -13.97
CA LYS A 277 -13.30 7.75 -14.90
C LYS A 277 -13.72 6.48 -14.16
N PRO A 278 -14.61 5.65 -14.80
CA PRO A 278 -14.87 4.29 -14.30
C PRO A 278 -13.54 3.57 -14.15
N LEU A 279 -13.44 2.72 -13.12
CA LEU A 279 -12.21 2.01 -12.87
C LEU A 279 -11.82 1.10 -14.04
N SER A 280 -12.82 0.63 -14.79
CA SER A 280 -12.52 -0.20 -15.96
C SER A 280 -11.73 0.57 -17.04
N SER A 281 -11.64 1.91 -17.00
CA SER A 281 -10.81 2.70 -17.89
C SER A 281 -9.33 2.37 -17.72
N LEU A 282 -8.97 1.75 -16.60
CA LEU A 282 -7.57 1.41 -16.30
C LEU A 282 -7.17 0.13 -17.03
N THR A 283 -8.15 -0.69 -17.41
CA THR A 283 -7.88 -2.05 -17.86
C THR A 283 -6.82 -2.05 -18.99
N PRO A 284 -6.90 -1.23 -20.04
CA PRO A 284 -5.87 -1.23 -21.09
C PRO A 284 -4.45 -0.92 -20.61
N LEU A 285 -4.32 0.03 -19.66
CA LEU A 285 -3.03 0.38 -19.09
C LEU A 285 -2.46 -0.80 -18.31
N ILE A 286 -3.32 -1.44 -17.52
CA ILE A 286 -2.94 -2.59 -16.71
C ILE A 286 -2.51 -3.73 -17.65
N ALA A 287 -3.26 -3.94 -18.73
CA ALA A 287 -2.89 -4.99 -19.67
C ALA A 287 -1.54 -4.65 -20.32
N ALA A 288 -1.34 -3.39 -20.73
CA ALA A 288 -0.10 -2.96 -21.36
C ALA A 288 1.09 -3.06 -20.41
N ALA A 289 0.91 -2.70 -19.14
CA ALA A 289 2.01 -2.77 -18.20
C ALA A 289 2.38 -4.23 -17.91
N LYS A 290 1.36 -5.09 -17.85
CA LYS A 290 1.57 -6.50 -17.51
C LYS A 290 2.38 -7.18 -18.62
N GLU A 291 2.02 -6.88 -19.87
CA GLU A 291 2.75 -7.41 -21.02
C GLU A 291 4.19 -6.86 -21.06
N ALA A 292 4.39 -5.60 -20.62
CA ALA A 292 5.71 -4.99 -20.66
C ALA A 292 6.62 -5.56 -19.57
N THR A 293 6.04 -6.05 -18.48
CA THR A 293 6.84 -6.40 -17.32
C THR A 293 6.96 -7.90 -17.15
N LYS A 294 6.47 -8.68 -18.12
CA LYS A 294 6.31 -10.12 -17.94
C LYS A 294 7.66 -10.85 -17.86
N ASN A 295 8.78 -10.24 -18.30
CA ASN A 295 10.10 -10.87 -18.20
C ASN A 295 11.00 -10.08 -17.24
#